data_1E4W
#
_entry.id   1E4W
#
_cell.length_a   49.220
_cell.length_b   94.350
_cell.length_c   121.790
_cell.angle_alpha   90.00
_cell.angle_beta   90.00
_cell.angle_gamma   90.00
#
_symmetry.space_group_name_H-M   'P 21 21 21'
#
loop_
_entity.id
_entity.type
_entity.pdbx_description
1 polymer TAB2
2 polymer TAB2
3 polymer 'CYCLIC PEPTIDE'
4 non-polymer 'NICKEL (II) ION'
5 non-polymer 'CHLORIDE ION'
6 water water
#
loop_
_entity_poly.entity_id
_entity_poly.type
_entity_poly.pdbx_seq_one_letter_code
_entity_poly.pdbx_strand_id
1 'polypeptide(L)'
;QVQLQQPGAELVKPGASVKLSCKASGFTFTNYWMHWVKQRPGQGLEWIGEILPSNGRTNYNEKFKTKATLTVDKSSNTAY
MQLSSLTSEDSAVYYCARSPSDYWGQGTTLTVSSAKTTAPSVYPLAPVCGDTTGSSVTLGCLVKGYFPEPVTLTWNSGSL
SSGVHTFPAVLQSDLYTLSSSVTVTSSTWPSQSITCNVAHPASSTKVDKKIEP
;
H
2 'polypeptide(L)'
;DIQMTQTPSSLSASLGDRVTISCRASQDISHYLNWFQQKPDGTVKLLIYYTSTLHSGVPSRFSGSGSGTDYSLTISNLEE
EDIAFYFCQQGGALPFTFGSGTKLAIKRADAAPTVSIFPPSSEQLTSGGASVVCFLNNFYPKDINVKWKIDGSERQNGVL
DSWTDQDSKDSTYSMSSTLTLTKDEYERHNSYTCEATHKTSTSPIVKSFNRNEC
;
L
3 'polypeptide(L)' SHFNEYE P
#
# COMPACT_ATOMS: atom_id res chain seq x y z
N GLN A 1 -9.57 -13.02 22.85
CA GLN A 1 -8.51 -13.84 23.50
C GLN A 1 -7.25 -12.98 23.38
N VAL A 2 -7.54 -11.73 23.57
CA VAL A 2 -6.76 -10.55 23.43
C VAL A 2 -6.83 -10.25 21.91
N GLN A 3 -7.97 -9.63 21.68
CA GLN A 3 -8.32 -9.09 20.38
C GLN A 3 -8.90 -7.67 20.56
N LEU A 4 -8.62 -6.84 19.58
CA LEU A 4 -9.15 -5.50 19.37
C LEU A 4 -9.81 -5.54 17.99
N GLN A 5 -11.12 -5.42 18.01
CA GLN A 5 -11.87 -5.54 16.77
C GLN A 5 -12.29 -4.22 16.18
N GLN A 6 -11.82 -3.86 14.99
CA GLN A 6 -12.20 -2.63 14.33
C GLN A 6 -12.88 -2.97 13.01
N PRO A 7 -13.80 -2.16 12.53
CA PRO A 7 -14.36 -2.33 11.18
C PRO A 7 -13.27 -2.11 10.14
N GLY A 8 -13.37 -2.86 9.01
CA GLY A 8 -12.32 -2.70 7.99
C GLY A 8 -12.33 -1.36 7.30
N ALA A 9 -13.49 -0.77 7.02
CA ALA A 9 -13.51 0.48 6.29
C ALA A 9 -14.73 1.35 6.55
N GLU A 10 -14.60 2.64 6.38
CA GLU A 10 -15.69 3.58 6.54
C GLU A 10 -15.59 4.58 5.38
N LEU A 11 -16.69 4.97 4.78
CA LEU A 11 -16.71 5.99 3.72
C LEU A 11 -17.59 7.14 4.19
N VAL A 12 -17.15 8.37 4.21
CA VAL A 12 -17.86 9.54 4.70
C VAL A 12 -17.64 10.74 3.81
N LYS A 13 -18.54 11.71 3.79
CA LYS A 13 -18.44 12.90 2.97
C LYS A 13 -17.64 13.97 3.66
N PRO A 14 -16.97 14.84 2.93
CA PRO A 14 -16.25 15.97 3.50
C PRO A 14 -17.25 16.80 4.30
N GLY A 15 -16.76 17.47 5.35
CA GLY A 15 -17.67 18.18 6.29
C GLY A 15 -18.39 17.26 7.25
N ALA A 16 -18.57 15.96 7.08
CA ALA A 16 -19.23 15.09 8.03
C ALA A 16 -18.34 14.68 9.23
N SER A 17 -18.90 13.89 10.13
CA SER A 17 -18.15 13.43 11.30
C SER A 17 -18.24 11.92 11.33
N VAL A 18 -17.34 11.21 11.98
CA VAL A 18 -17.43 9.74 12.00
C VAL A 18 -16.96 9.26 13.38
N LYS A 19 -17.52 8.16 13.83
CA LYS A 19 -17.18 7.57 15.09
C LYS A 19 -16.54 6.20 14.91
N LEU A 20 -15.22 6.11 15.03
CA LEU A 20 -14.59 4.78 14.86
C LEU A 20 -14.70 3.97 16.13
N SER A 21 -15.00 2.69 16.01
CA SER A 21 -15.09 1.81 17.17
C SER A 21 -13.98 0.80 17.29
N CYS A 22 -13.66 0.42 18.52
CA CYS A 22 -12.60 -0.55 18.79
C CYS A 22 -13.06 -1.48 19.93
N LYS A 23 -13.62 -2.62 19.60
CA LYS A 23 -14.15 -3.57 20.56
C LYS A 23 -13.14 -4.50 21.13
N ALA A 24 -12.88 -4.47 22.44
CA ALA A 24 -11.87 -5.32 23.01
C ALA A 24 -12.49 -6.67 23.44
N SER A 25 -11.73 -7.75 23.41
CA SER A 25 -12.25 -9.04 23.88
C SER A 25 -11.08 -9.88 24.33
N GLY A 26 -11.35 -10.89 25.18
CA GLY A 26 -10.32 -11.73 25.75
C GLY A 26 -9.61 -11.08 26.93
N PHE A 27 -10.03 -9.89 27.35
CA PHE A 27 -9.50 -9.13 28.46
C PHE A 27 -10.51 -8.01 28.78
N THR A 28 -10.44 -7.48 30.00
CA THR A 28 -11.27 -6.35 30.40
C THR A 28 -10.35 -5.13 30.35
N PHE A 29 -10.71 -4.13 29.57
CA PHE A 29 -9.80 -3.00 29.31
C PHE A 29 -9.69 -1.96 30.39
N THR A 30 -10.37 -2.13 31.54
CA THR A 30 -10.42 -1.14 32.59
C THR A 30 -9.10 -0.46 32.88
N ASN A 31 -8.00 -1.15 33.17
CA ASN A 31 -6.72 -0.60 33.51
C ASN A 31 -5.71 -0.60 32.34
N TYR A 32 -6.16 -0.58 31.08
CA TYR A 32 -5.26 -0.49 29.95
C TYR A 32 -5.45 0.87 29.28
N TRP A 33 -4.34 1.53 28.89
CA TRP A 33 -4.53 2.73 28.07
C TRP A 33 -4.97 2.30 26.66
N MET A 34 -5.91 3.00 26.08
CA MET A 34 -6.40 2.63 24.72
C MET A 34 -5.96 3.79 23.80
N HIS A 35 -5.07 3.55 22.88
CA HIS A 35 -4.48 4.55 22.00
C HIS A 35 -5.11 4.52 20.60
N TRP A 36 -4.99 5.56 19.81
CA TRP A 36 -5.45 5.70 18.45
C TRP A 36 -4.27 6.29 17.66
N VAL A 37 -4.06 5.72 16.46
CA VAL A 37 -2.91 6.09 15.66
C VAL A 37 -3.39 6.23 14.18
N LYS A 38 -2.83 7.24 13.52
CA LYS A 38 -3.21 7.50 12.11
C LYS A 38 -2.09 7.11 11.15
N GLN A 39 -2.38 6.33 10.10
CA GLN A 39 -1.30 6.01 9.14
C GLN A 39 -1.75 6.39 7.71
N ARG A 40 -0.92 7.13 7.02
CA ARG A 40 -1.14 7.51 5.64
C ARG A 40 0.06 7.05 4.79
N PRO A 41 -0.22 6.71 3.54
CA PRO A 41 0.75 6.17 2.62
C PRO A 41 2.18 6.63 2.68
N GLY A 42 2.46 7.92 2.52
CA GLY A 42 3.88 8.32 2.56
C GLY A 42 4.23 9.15 3.78
N GLN A 43 3.50 8.96 4.89
CA GLN A 43 3.83 9.79 6.06
C GLN A 43 4.25 8.84 7.19
N GLY A 44 4.90 9.40 8.19
CA GLY A 44 5.29 8.51 9.30
C GLY A 44 3.99 8.35 10.14
N LEU A 45 3.86 7.27 10.87
CA LEU A 45 2.74 7.07 11.77
C LEU A 45 2.51 8.23 12.73
N GLU A 46 1.26 8.61 13.01
CA GLU A 46 1.07 9.71 13.94
C GLU A 46 0.28 9.18 15.16
N TRP A 47 0.77 9.60 16.32
CA TRP A 47 -0.02 9.27 17.54
C TRP A 47 -1.08 10.32 17.78
N ILE A 48 -2.35 9.95 17.92
CA ILE A 48 -3.46 10.84 18.11
C ILE A 48 -3.67 11.10 19.62
N GLY A 49 -3.63 9.99 20.35
CA GLY A 49 -3.85 10.20 21.83
C GLY A 49 -4.22 8.85 22.46
N GLU A 50 -4.62 8.90 23.75
CA GLU A 50 -4.99 7.70 24.50
C GLU A 50 -5.98 8.04 25.63
N ILE A 51 -6.78 7.06 26.01
CA ILE A 51 -7.77 7.23 27.09
C ILE A 51 -7.70 6.07 28.06
N LEU A 52 -7.81 6.32 29.38
CA LEU A 52 -7.70 5.21 30.36
C LEU A 52 -9.14 4.94 30.81
N PRO A 53 -9.74 3.79 30.48
CA PRO A 53 -11.11 3.55 30.74
C PRO A 53 -11.48 3.65 32.23
N SER A 54 -10.65 3.20 33.14
CA SER A 54 -11.03 3.23 34.57
C SER A 54 -11.54 4.59 35.04
N ASN A 55 -10.85 5.69 34.70
CA ASN A 55 -11.19 7.02 35.15
C ASN A 55 -11.49 8.02 34.06
N GLY A 56 -11.44 7.57 32.79
CA GLY A 56 -11.70 8.44 31.63
C GLY A 56 -10.67 9.51 31.33
N ARG A 57 -9.49 9.52 31.91
CA ARG A 57 -8.47 10.52 31.65
C ARG A 57 -8.01 10.37 30.16
N THR A 58 -7.69 11.49 29.54
CA THR A 58 -7.20 11.40 28.15
C THR A 58 -5.89 12.16 28.04
N ASN A 59 -5.00 11.72 27.17
CA ASN A 59 -3.78 12.45 26.80
C ASN A 59 -3.83 12.58 25.25
N TYR A 60 -3.89 13.80 24.72
CA TYR A 60 -3.93 14.02 23.31
C TYR A 60 -2.66 14.61 22.72
N ASN A 61 -2.43 14.25 21.43
CA ASN A 61 -1.40 14.91 20.67
C ASN A 61 -2.13 16.24 20.31
N GLU A 62 -1.62 17.39 20.74
CA GLU A 62 -2.24 18.69 20.50
C GLU A 62 -2.58 18.97 19.03
N LYS A 63 -1.80 18.43 18.09
CA LYS A 63 -2.23 18.61 16.69
C LYS A 63 -3.64 18.13 16.42
N PHE A 64 -4.12 17.06 17.11
CA PHE A 64 -5.45 16.52 16.89
C PHE A 64 -6.49 16.98 17.88
N LYS A 65 -6.18 17.98 18.71
CA LYS A 65 -7.12 18.43 19.74
C LYS A 65 -8.46 18.87 19.22
N THR A 66 -8.55 19.64 18.12
CA THR A 66 -9.88 20.04 17.66
C THR A 66 -10.43 19.01 16.67
N LYS A 67 -9.70 17.98 16.30
CA LYS A 67 -10.15 16.98 15.35
C LYS A 67 -10.73 15.70 15.91
N ALA A 68 -10.13 15.20 17.03
CA ALA A 68 -10.50 13.90 17.56
C ALA A 68 -11.07 13.92 18.97
N THR A 69 -12.04 13.09 19.28
CA THR A 69 -12.58 13.00 20.64
C THR A 69 -12.60 11.54 21.09
N LEU A 70 -11.85 11.19 22.12
CA LEU A 70 -11.79 9.80 22.54
C LEU A 70 -12.80 9.52 23.65
N THR A 71 -13.51 8.42 23.60
CA THR A 71 -14.43 8.04 24.65
C THR A 71 -14.41 6.51 24.72
N VAL A 72 -15.07 6.02 25.77
CA VAL A 72 -15.15 4.57 26.02
C VAL A 72 -16.55 4.24 26.48
N ASP A 73 -16.99 3.03 26.18
CA ASP A 73 -18.25 2.53 26.69
C ASP A 73 -17.81 1.30 27.48
N LYS A 74 -17.62 1.46 28.80
CA LYS A 74 -17.18 0.37 29.65
C LYS A 74 -18.14 -0.83 29.65
N SER A 75 -19.44 -0.62 29.51
CA SER A 75 -20.38 -1.74 29.50
C SER A 75 -20.23 -2.64 28.28
N SER A 76 -19.66 -2.15 27.17
CA SER A 76 -19.43 -3.07 26.04
C SER A 76 -17.94 -3.30 25.82
N ASN A 77 -17.09 -2.81 26.72
CA ASN A 77 -15.65 -2.91 26.59
C ASN A 77 -15.17 -2.43 25.21
N THR A 78 -15.71 -1.30 24.79
CA THR A 78 -15.38 -0.65 23.51
C THR A 78 -14.84 0.76 23.63
N ALA A 79 -13.76 1.05 22.87
CA ALA A 79 -13.22 2.42 22.87
C ALA A 79 -13.67 3.02 21.53
N TYR A 80 -13.90 4.32 21.50
CA TYR A 80 -14.27 5.05 20.32
C TYR A 80 -13.43 6.30 20.07
N MET A 81 -13.33 6.66 18.79
CA MET A 81 -12.67 7.93 18.46
C MET A 81 -13.60 8.63 17.46
N GLN A 82 -14.12 9.79 17.82
CA GLN A 82 -14.95 10.58 16.91
C GLN A 82 -14.06 11.62 16.22
N LEU A 83 -14.13 11.68 14.89
CA LEU A 83 -13.38 12.62 14.08
C LEU A 83 -14.31 13.70 13.53
N SER A 84 -14.00 14.99 13.61
CA SER A 84 -15.04 15.93 13.15
C SER A 84 -14.62 16.70 11.93
N SER A 85 -15.54 17.40 11.28
CA SER A 85 -15.22 18.23 10.12
C SER A 85 -14.29 17.60 9.12
N LEU A 86 -14.64 16.38 8.66
CA LEU A 86 -13.72 15.64 7.80
C LEU A 86 -13.37 16.29 6.50
N THR A 87 -12.09 16.23 6.17
CA THR A 87 -11.53 16.68 4.91
C THR A 87 -10.79 15.49 4.29
N SER A 88 -10.38 15.63 3.01
CA SER A 88 -9.62 14.57 2.38
C SER A 88 -8.30 14.34 3.10
N GLU A 89 -7.74 15.28 3.86
CA GLU A 89 -6.56 15.06 4.67
C GLU A 89 -6.77 14.06 5.82
N ASP A 90 -7.99 13.77 6.19
CA ASP A 90 -8.33 12.81 7.23
C ASP A 90 -8.40 11.39 6.67
N SER A 91 -8.37 11.20 5.33
CA SER A 91 -8.39 9.88 4.71
C SER A 91 -7.12 9.13 5.13
N ALA A 92 -7.27 7.97 5.74
CA ALA A 92 -6.13 7.23 6.29
C ALA A 92 -6.58 5.94 6.97
N VAL A 93 -5.58 5.12 7.37
CA VAL A 93 -5.90 3.92 8.13
C VAL A 93 -5.75 4.32 9.63
N TYR A 94 -6.81 4.04 10.41
CA TYR A 94 -6.77 4.40 11.83
C TYR A 94 -6.75 3.11 12.66
N TYR A 95 -5.73 3.03 13.51
CA TYR A 95 -5.60 1.90 14.40
C TYR A 95 -5.94 2.29 15.87
N CYS A 96 -6.51 1.32 16.57
CA CYS A 96 -6.61 1.39 18.04
C CYS A 96 -5.60 0.40 18.58
N ALA A 97 -5.24 0.54 19.85
CA ALA A 97 -4.28 -0.31 20.48
C ALA A 97 -4.34 -0.20 22.03
N ARG A 98 -3.87 -1.23 22.71
CA ARG A 98 -3.82 -1.11 24.17
C ARG A 98 -2.36 -1.06 24.58
N SER A 99 -2.13 -0.53 25.78
CA SER A 99 -0.89 -0.61 26.48
C SER A 99 -1.00 -0.57 28.01
N PRO A 100 -0.32 -1.46 28.67
CA PRO A 100 0.98 -2.01 28.50
C PRO A 100 0.64 -3.37 27.81
N SER A 101 1.55 -4.28 27.64
CA SER A 101 1.37 -5.57 26.98
C SER A 101 0.66 -5.33 25.65
N ASP A 102 1.28 -4.42 24.85
CA ASP A 102 0.64 -3.85 23.71
C ASP A 102 0.09 -4.87 22.68
N TYR A 103 -1.04 -4.49 22.17
CA TYR A 103 -1.77 -5.25 21.16
C TYR A 103 -2.55 -4.26 20.33
N TRP A 104 -2.53 -4.45 19.00
CA TRP A 104 -3.18 -3.52 18.07
C TRP A 104 -4.34 -4.14 17.31
N GLY A 105 -5.32 -3.36 16.97
CA GLY A 105 -6.44 -3.71 16.12
C GLY A 105 -5.88 -3.84 14.67
N GLN A 106 -6.72 -4.27 13.74
CA GLN A 106 -6.27 -4.39 12.34
C GLN A 106 -6.38 -3.13 11.51
N GLY A 107 -6.94 -2.07 12.07
CA GLY A 107 -7.04 -0.75 11.43
C GLY A 107 -8.33 -0.57 10.63
N THR A 108 -8.89 0.65 10.63
CA THR A 108 -10.04 1.01 9.85
C THR A 108 -9.57 1.96 8.76
N THR A 109 -9.83 1.62 7.50
CA THR A 109 -9.50 2.52 6.39
C THR A 109 -10.72 3.46 6.23
N LEU A 110 -10.43 4.72 6.43
CA LEU A 110 -11.41 5.80 6.34
C LEU A 110 -11.16 6.52 5.00
N THR A 111 -12.17 6.66 4.18
CA THR A 111 -12.01 7.43 2.94
C THR A 111 -12.97 8.63 3.03
N VAL A 112 -12.50 9.84 2.83
CA VAL A 112 -13.45 10.97 2.84
C VAL A 112 -13.54 11.49 1.40
N SER A 113 -14.74 11.31 0.85
CA SER A 113 -14.92 11.70 -0.57
C SER A 113 -16.38 12.04 -0.81
N SER A 114 -16.66 12.81 -1.84
CA SER A 114 -17.96 13.15 -2.32
C SER A 114 -18.41 12.27 -3.49
N ALA A 115 -17.54 11.37 -3.90
CA ALA A 115 -17.81 10.58 -5.11
C ALA A 115 -19.03 9.71 -4.90
N LYS A 116 -19.73 9.42 -5.99
CA LYS A 116 -20.87 8.54 -5.94
C LYS A 116 -20.46 7.12 -6.34
N THR A 117 -21.20 6.12 -5.94
CA THR A 117 -20.90 4.73 -6.31
C THR A 117 -20.89 4.67 -7.81
N THR A 118 -19.86 4.13 -8.47
CA THR A 118 -19.81 4.13 -9.95
C THR A 118 -19.20 2.83 -10.46
N ALA A 119 -19.81 2.12 -11.40
CA ALA A 119 -19.30 0.88 -11.89
C ALA A 119 -18.13 1.10 -12.83
N PRO A 120 -17.11 0.25 -12.85
CA PRO A 120 -15.99 0.45 -13.72
C PRO A 120 -16.29 0.15 -15.20
N SER A 121 -15.48 0.76 -16.05
CA SER A 121 -15.47 0.38 -17.48
C SER A 121 -14.32 -0.64 -17.52
N VAL A 122 -14.49 -1.77 -18.16
CA VAL A 122 -13.41 -2.76 -18.23
C VAL A 122 -12.96 -2.94 -19.66
N TYR A 123 -11.69 -2.76 -19.96
CA TYR A 123 -11.22 -2.88 -21.35
C TYR A 123 -10.09 -3.90 -21.56
N PRO A 124 -10.21 -4.75 -22.55
CA PRO A 124 -9.24 -5.79 -22.88
C PRO A 124 -8.02 -5.14 -23.50
N LEU A 125 -6.82 -5.52 -23.20
CA LEU A 125 -5.57 -4.98 -23.75
C LEU A 125 -4.81 -6.09 -24.50
N ALA A 126 -4.99 -6.08 -25.83
CA ALA A 126 -4.31 -7.07 -26.68
C ALA A 126 -3.03 -6.45 -27.22
N PRO A 127 -2.04 -7.29 -27.51
CA PRO A 127 -0.78 -6.86 -28.04
C PRO A 127 -0.93 -6.11 -29.36
N VAL A 128 0.09 -5.31 -29.63
CA VAL A 128 0.13 -4.52 -30.86
C VAL A 128 0.12 -5.50 -32.04
N CYS A 129 -0.73 -5.27 -33.02
CA CYS A 129 -0.77 -6.21 -34.15
C CYS A 129 0.49 -6.04 -34.97
N GLY A 130 0.82 -7.11 -35.68
CA GLY A 130 2.02 -7.11 -36.54
C GLY A 130 2.48 -8.57 -36.48
N ASP A 131 3.10 -8.92 -35.37
CA ASP A 131 3.56 -10.25 -35.06
C ASP A 131 4.56 -10.17 -33.90
N THR A 132 4.26 -10.98 -32.88
CA THR A 132 5.16 -11.06 -31.74
C THR A 132 5.83 -12.44 -31.87
N THR A 133 7.13 -12.36 -31.82
CA THR A 133 8.14 -13.36 -31.96
C THR A 133 8.64 -14.02 -30.69
N GLY A 134 8.12 -13.61 -29.53
CA GLY A 134 8.62 -14.18 -28.27
C GLY A 134 8.04 -15.56 -28.00
N SER A 135 8.57 -16.23 -26.96
CA SER A 135 8.02 -17.54 -26.56
C SER A 135 6.80 -17.29 -25.67
N SER A 136 6.68 -16.06 -25.18
CA SER A 136 5.58 -15.65 -24.33
C SER A 136 4.88 -14.37 -24.82
N VAL A 137 3.65 -14.19 -24.38
CA VAL A 137 2.89 -12.99 -24.80
C VAL A 137 2.25 -12.38 -23.54
N THR A 138 2.23 -11.05 -23.44
CA THR A 138 1.61 -10.41 -22.26
C THR A 138 0.32 -9.77 -22.73
N LEU A 139 -0.73 -9.98 -21.95
CA LEU A 139 -2.05 -9.42 -22.23
C LEU A 139 -2.45 -8.60 -21.02
N GLY A 140 -3.48 -7.75 -21.16
CA GLY A 140 -3.89 -7.05 -19.93
C GLY A 140 -5.38 -6.72 -19.90
N CYS A 141 -5.69 -6.04 -18.82
CA CYS A 141 -7.06 -5.62 -18.53
C CYS A 141 -7.03 -4.31 -17.78
N LEU A 142 -7.76 -3.33 -18.31
CA LEU A 142 -7.73 -2.00 -17.69
C LEU A 142 -9.10 -1.73 -17.10
N VAL A 143 -9.17 -1.43 -15.82
CA VAL A 143 -10.40 -1.22 -15.08
C VAL A 143 -10.41 0.26 -14.70
N LYS A 144 -11.27 1.04 -15.35
CA LYS A 144 -11.27 2.50 -15.16
C LYS A 144 -12.53 3.12 -14.59
N GLY A 145 -12.36 4.15 -13.77
CA GLY A 145 -13.47 4.97 -13.30
C GLY A 145 -14.46 4.28 -12.33
N TYR A 146 -14.02 3.68 -11.24
CA TYR A 146 -14.97 3.05 -10.32
C TYR A 146 -14.88 3.70 -8.94
N PHE A 147 -15.88 3.49 -8.11
CA PHE A 147 -15.91 3.99 -6.75
C PHE A 147 -17.02 3.31 -6.01
N PRO A 148 -16.81 2.93 -4.75
CA PRO A 148 -15.54 3.08 -4.04
C PRO A 148 -14.64 1.85 -4.26
N GLU A 149 -13.54 1.64 -3.56
CA GLU A 149 -12.85 0.35 -3.57
C GLU A 149 -13.62 -0.65 -2.71
N PRO A 150 -13.45 -1.94 -2.96
CA PRO A 150 -12.54 -2.47 -3.95
C PRO A 150 -13.14 -3.07 -5.22
N VAL A 151 -12.31 -3.68 -6.05
CA VAL A 151 -12.74 -4.47 -7.24
C VAL A 151 -12.02 -5.79 -7.07
N THR A 152 -12.49 -6.93 -7.56
CA THR A 152 -11.75 -8.20 -7.47
C THR A 152 -11.48 -8.50 -8.97
N LEU A 153 -10.28 -8.87 -9.37
CA LEU A 153 -9.96 -9.12 -10.78
C LEU A 153 -9.41 -10.53 -10.88
N THR A 154 -9.91 -11.37 -11.80
CA THR A 154 -9.31 -12.70 -11.93
C THR A 154 -9.21 -12.95 -13.45
N TRP A 155 -8.44 -13.95 -13.77
CA TRP A 155 -8.23 -14.40 -15.14
C TRP A 155 -8.78 -15.85 -15.26
N ASN A 156 -9.56 -16.06 -16.30
CA ASN A 156 -10.21 -17.36 -16.55
C ASN A 156 -10.87 -17.90 -15.29
N SER A 157 -11.64 -17.05 -14.60
CA SER A 157 -12.41 -17.34 -13.40
C SER A 157 -11.55 -17.77 -12.22
N GLY A 158 -10.30 -17.31 -12.20
CA GLY A 158 -9.39 -17.71 -11.14
C GLY A 158 -8.59 -18.93 -11.56
N SER A 159 -8.88 -19.61 -12.65
CA SER A 159 -8.06 -20.77 -13.06
C SER A 159 -6.66 -20.39 -13.55
N LEU A 160 -6.49 -19.16 -14.00
CA LEU A 160 -5.21 -18.65 -14.49
C LEU A 160 -4.67 -17.63 -13.50
N SER A 161 -3.67 -18.05 -12.76
CA SER A 161 -3.03 -17.32 -11.68
C SER A 161 -1.58 -17.36 -11.97
N SER A 162 -0.48 -16.84 -11.51
CA SER A 162 0.79 -17.35 -12.16
C SER A 162 0.94 -16.69 -13.54
N GLY A 163 1.93 -15.84 -13.54
CA GLY A 163 2.22 -14.99 -14.69
C GLY A 163 1.34 -13.74 -14.57
N VAL A 164 0.60 -13.60 -13.46
CA VAL A 164 -0.35 -12.52 -13.30
C VAL A 164 0.16 -11.41 -12.39
N HIS A 165 0.02 -10.14 -12.81
CA HIS A 165 0.33 -9.06 -11.87
C HIS A 165 -0.90 -8.15 -11.83
N THR A 166 -1.46 -7.85 -10.68
CA THR A 166 -2.57 -6.92 -10.61
C THR A 166 -2.05 -5.73 -9.81
N PHE A 167 -2.07 -4.55 -10.39
CA PHE A 167 -1.47 -3.37 -9.76
C PHE A 167 -2.43 -2.70 -8.79
N PRO A 168 -1.88 -2.02 -7.79
CA PRO A 168 -2.70 -1.30 -6.82
C PRO A 168 -3.50 -0.21 -7.52
N ALA A 169 -4.75 -0.03 -7.07
CA ALA A 169 -5.57 1.07 -7.63
C ALA A 169 -4.99 2.45 -7.29
N VAL A 170 -5.20 3.40 -8.17
CA VAL A 170 -4.82 4.79 -8.01
C VAL A 170 -6.02 5.68 -8.32
N LEU A 171 -6.13 6.83 -7.73
CA LEU A 171 -7.24 7.77 -7.79
C LEU A 171 -7.35 8.78 -8.88
N GLN A 172 -7.46 8.43 -10.16
CA GLN A 172 -7.66 9.43 -11.22
C GLN A 172 -9.00 10.17 -11.09
N SER A 173 -8.87 11.40 -10.61
CA SER A 173 -9.98 12.33 -10.39
C SER A 173 -10.55 11.96 -9.04
N ASP A 174 -11.83 11.75 -8.92
CA ASP A 174 -12.46 11.26 -7.71
C ASP A 174 -12.75 9.76 -7.96
N LEU A 175 -12.23 9.15 -9.03
CA LEU A 175 -12.55 7.69 -9.21
C LEU A 175 -11.28 6.86 -9.27
N TYR A 176 -11.38 5.55 -9.14
CA TYR A 176 -10.20 4.69 -9.10
C TYR A 176 -10.01 4.01 -10.46
N THR A 177 -8.74 3.63 -10.70
CA THR A 177 -8.41 2.89 -11.92
C THR A 177 -7.33 1.83 -11.51
N LEU A 178 -7.43 0.67 -12.09
CA LEU A 178 -6.39 -0.35 -11.89
C LEU A 178 -6.20 -1.11 -13.20
N SER A 179 -5.14 -1.95 -13.21
CA SER A 179 -4.88 -2.76 -14.38
C SER A 179 -4.24 -4.06 -13.90
N SER A 180 -4.27 -5.03 -14.79
CA SER A 180 -3.66 -6.34 -14.46
C SER A 180 -3.00 -6.88 -15.74
N SER A 181 -1.85 -7.53 -15.62
CA SER A 181 -1.27 -8.15 -16.80
C SER A 181 -1.20 -9.69 -16.55
N VAL A 182 -1.23 -10.41 -17.67
CA VAL A 182 -1.12 -11.88 -17.52
C VAL A 182 -0.08 -12.22 -18.63
N THR A 183 0.85 -13.12 -18.32
CA THR A 183 1.82 -13.53 -19.35
C THR A 183 1.67 -15.05 -19.56
N VAL A 184 1.55 -15.46 -20.82
CA VAL A 184 1.37 -16.87 -21.14
C VAL A 184 2.25 -17.31 -22.30
N THR A 185 2.49 -18.65 -22.42
CA THR A 185 3.41 -19.01 -23.53
C THR A 185 2.69 -18.67 -24.80
N SER A 186 3.36 -18.22 -25.85
CA SER A 186 2.78 -17.85 -27.14
C SER A 186 1.93 -18.89 -27.82
N SER A 187 2.20 -20.17 -27.57
CA SER A 187 1.39 -21.24 -28.16
C SER A 187 0.03 -21.35 -27.50
N THR A 188 -0.18 -20.82 -26.30
CA THR A 188 -1.44 -20.90 -25.60
C THR A 188 -2.46 -19.85 -26.07
N TRP A 189 -2.01 -18.71 -26.57
CA TRP A 189 -2.94 -17.62 -26.96
C TRP A 189 -2.43 -17.05 -28.26
N PRO A 190 -3.30 -16.79 -29.22
CA PRO A 190 -4.71 -16.87 -29.06
C PRO A 190 -5.47 -18.16 -29.28
N SER A 191 -4.77 -19.29 -29.28
CA SER A 191 -5.51 -20.56 -29.50
C SER A 191 -6.37 -20.91 -28.30
N GLN A 192 -5.97 -20.64 -27.07
CA GLN A 192 -6.77 -20.90 -25.86
C GLN A 192 -7.39 -19.58 -25.36
N SER A 193 -8.63 -19.57 -24.98
CA SER A 193 -9.38 -18.39 -24.55
C SER A 193 -8.89 -17.76 -23.24
N ILE A 194 -8.60 -16.47 -23.24
CA ILE A 194 -8.19 -15.84 -21.95
C ILE A 194 -9.13 -14.64 -21.68
N THR A 195 -9.75 -14.64 -20.51
CA THR A 195 -10.69 -13.53 -20.21
C THR A 195 -10.45 -13.01 -18.78
N CYS A 196 -10.63 -11.73 -18.75
CA CYS A 196 -10.49 -10.94 -17.52
C CYS A 196 -11.84 -10.95 -16.81
N ASN A 197 -12.00 -11.28 -15.57
CA ASN A 197 -13.25 -11.22 -14.83
C ASN A 197 -13.23 -10.11 -13.76
N VAL A 198 -14.05 -9.06 -13.86
CA VAL A 198 -13.97 -7.99 -12.83
C VAL A 198 -15.24 -7.89 -12.00
N ALA A 199 -15.19 -7.94 -10.68
CA ALA A 199 -16.40 -7.71 -9.89
C ALA A 199 -16.21 -6.41 -9.14
N HIS A 200 -17.27 -5.61 -9.03
CA HIS A 200 -17.23 -4.41 -8.15
C HIS A 200 -18.46 -4.50 -7.24
N PRO A 201 -18.37 -5.05 -6.04
CA PRO A 201 -19.49 -5.34 -5.18
C PRO A 201 -20.43 -4.18 -4.89
N ALA A 202 -19.84 -2.98 -4.71
CA ALA A 202 -20.66 -1.84 -4.35
C ALA A 202 -21.67 -1.46 -5.42
N SER A 203 -21.40 -1.66 -6.73
CA SER A 203 -22.35 -1.33 -7.78
C SER A 203 -22.99 -2.62 -8.28
N SER A 204 -22.71 -3.72 -7.56
CA SER A 204 -23.15 -5.07 -7.87
C SER A 204 -22.89 -5.40 -9.32
N THR A 205 -21.71 -5.10 -9.86
CA THR A 205 -21.50 -5.47 -11.26
C THR A 205 -20.45 -6.58 -11.34
N LYS A 206 -20.54 -7.29 -12.44
CA LYS A 206 -19.60 -8.40 -12.76
C LYS A 206 -19.50 -8.38 -14.28
N VAL A 207 -18.30 -8.18 -14.79
CA VAL A 207 -18.12 -8.07 -16.23
C VAL A 207 -17.01 -9.04 -16.71
N ASP A 208 -17.15 -9.65 -17.86
CA ASP A 208 -16.07 -10.52 -18.39
C ASP A 208 -15.63 -9.93 -19.69
N LYS A 209 -14.32 -9.82 -19.92
CA LYS A 209 -13.84 -9.25 -21.16
C LYS A 209 -12.84 -10.23 -21.76
N LYS A 210 -13.11 -10.84 -22.92
CA LYS A 210 -12.21 -11.78 -23.56
C LYS A 210 -11.12 -11.00 -24.28
N ILE A 211 -9.86 -11.40 -24.19
CA ILE A 211 -8.83 -10.69 -24.91
C ILE A 211 -8.81 -11.27 -26.35
N GLU A 212 -9.00 -10.39 -27.30
CA GLU A 212 -9.07 -10.86 -28.71
C GLU A 212 -7.94 -10.14 -29.45
N PRO A 213 -7.37 -10.98 -30.41
CA PRO A 213 -6.33 -10.36 -31.26
C PRO A 213 -6.83 -9.18 -32.05
N ASP B 1 7.88 18.22 21.95
CA ASP B 1 7.78 16.81 21.44
C ASP B 1 9.08 16.05 21.28
N ILE B 2 9.29 14.83 21.72
CA ILE B 2 10.55 14.15 21.41
C ILE B 2 10.43 13.61 19.99
N GLN B 3 11.21 14.15 19.05
CA GLN B 3 11.16 13.68 17.66
C GLN B 3 12.04 12.48 17.46
N MET B 4 11.55 11.45 16.74
CA MET B 4 12.37 10.27 16.52
C MET B 4 12.93 10.22 15.09
N THR B 5 14.22 10.10 14.90
CA THR B 5 14.78 9.99 13.54
C THR B 5 15.16 8.54 13.26
N GLN B 6 14.48 7.85 12.37
CA GLN B 6 14.76 6.43 12.13
C GLN B 6 15.54 6.26 10.84
N THR B 7 16.51 5.39 10.84
CA THR B 7 17.28 5.10 9.63
C THR B 7 17.62 3.62 9.62
N PRO B 8 17.81 3.03 8.45
CA PRO B 8 17.56 3.64 7.15
C PRO B 8 16.06 3.56 6.83
N SER B 9 15.62 4.25 5.78
CA SER B 9 14.19 4.24 5.45
C SER B 9 13.81 2.99 4.66
N SER B 10 14.77 2.38 3.96
CA SER B 10 14.55 1.08 3.35
C SER B 10 15.86 0.27 3.41
N LEU B 11 15.73 -1.05 3.36
CA LEU B 11 16.90 -1.93 3.55
C LEU B 11 16.60 -3.24 2.86
N SER B 12 17.49 -3.57 1.92
CA SER B 12 17.38 -4.84 1.20
C SER B 12 18.47 -5.82 1.65
N ALA B 13 18.14 -6.99 2.13
CA ALA B 13 19.18 -7.89 2.62
C ALA B 13 18.87 -9.31 2.17
N SER B 14 19.88 -10.19 2.33
CA SER B 14 19.69 -11.58 2.02
C SER B 14 19.15 -12.30 3.25
N LEU B 15 18.32 -13.32 2.98
CA LEU B 15 17.86 -14.15 4.08
C LEU B 15 19.09 -14.79 4.77
N GLY B 16 19.10 -14.85 6.08
CA GLY B 16 20.22 -15.38 6.87
C GLY B 16 21.13 -14.23 7.33
N ASP B 17 21.04 -13.04 6.74
CA ASP B 17 21.86 -11.90 7.09
C ASP B 17 21.46 -11.23 8.41
N ARG B 18 22.45 -10.53 8.99
CA ARG B 18 22.15 -9.74 10.21
C ARG B 18 21.76 -8.33 9.77
N VAL B 19 20.64 -7.84 10.24
CA VAL B 19 20.19 -6.49 9.89
C VAL B 19 20.01 -5.65 11.15
N THR B 20 20.33 -4.37 11.03
CA THR B 20 20.20 -3.47 12.18
C THR B 20 19.54 -2.17 11.70
N ILE B 21 18.62 -1.71 12.53
CA ILE B 21 17.84 -0.51 12.24
C ILE B 21 18.02 0.43 13.45
N SER B 22 18.10 1.72 13.20
CA SER B 22 18.29 2.68 14.29
C SER B 22 17.21 3.72 14.43
N CYS B 23 17.08 4.24 15.64
CA CYS B 23 16.16 5.34 15.92
C CYS B 23 16.94 6.26 16.88
N ARG B 24 16.96 7.53 16.57
CA ARG B 24 17.66 8.49 17.43
C ARG B 24 16.61 9.40 18.02
N ALA B 25 16.55 9.64 19.30
CA ALA B 25 15.55 10.55 19.86
C ALA B 25 16.15 11.98 19.98
N SER B 26 15.33 13.00 19.99
CA SER B 26 15.67 14.40 20.11
C SER B 26 16.27 14.81 21.45
N GLN B 27 15.82 14.09 22.49
CA GLN B 27 16.22 14.26 23.89
C GLN B 27 16.05 12.90 24.59
N ASP B 28 16.67 12.75 25.75
CA ASP B 28 16.65 11.52 26.51
C ASP B 28 15.25 10.94 26.69
N ILE B 29 15.09 9.62 26.40
CA ILE B 29 13.77 9.02 26.55
C ILE B 29 13.72 8.01 27.69
N SER B 30 14.79 7.89 28.45
CA SER B 30 14.87 7.04 29.63
C SER B 30 14.51 5.58 29.42
N HIS B 31 15.05 5.01 28.33
CA HIS B 31 14.91 3.65 27.92
C HIS B 31 13.56 3.25 27.38
N TYR B 32 12.56 4.09 27.34
CA TYR B 32 11.24 3.72 26.87
C TYR B 32 11.26 3.79 25.31
N LEU B 33 11.90 2.79 24.72
CA LEU B 33 11.87 2.71 23.24
C LEU B 33 11.18 1.40 22.86
N ASN B 34 10.12 1.42 22.05
CA ASN B 34 9.42 0.20 21.64
C ASN B 34 9.67 -0.03 20.14
N TRP B 35 9.73 -1.30 19.71
CA TRP B 35 9.85 -1.55 18.26
C TRP B 35 8.61 -2.39 17.85
N PHE B 36 7.98 -1.94 16.79
CA PHE B 36 6.78 -2.50 16.22
C PHE B 36 7.06 -3.07 14.83
N GLN B 37 6.36 -4.15 14.49
CA GLN B 37 6.52 -4.75 13.15
C GLN B 37 5.17 -4.73 12.47
N GLN B 38 5.11 -4.24 11.25
CA GLN B 38 3.82 -4.24 10.51
C GLN B 38 3.94 -5.09 9.22
N LYS B 39 3.02 -6.00 8.99
CA LYS B 39 2.97 -6.82 7.80
C LYS B 39 2.16 -6.19 6.71
N PRO B 40 2.34 -6.66 5.46
CA PRO B 40 1.60 -6.15 4.31
C PRO B 40 0.10 -6.22 4.48
N ASP B 41 -0.44 -7.17 5.25
CA ASP B 41 -1.88 -7.15 5.50
C ASP B 41 -2.37 -6.10 6.50
N GLY B 42 -1.52 -5.22 7.03
CA GLY B 42 -1.89 -4.21 8.00
C GLY B 42 -1.71 -4.63 9.44
N THR B 43 -1.39 -5.88 9.72
CA THR B 43 -1.24 -6.40 11.07
C THR B 43 -0.02 -5.74 11.74
N VAL B 44 -0.16 -5.30 12.96
CA VAL B 44 0.93 -4.66 13.72
C VAL B 44 1.21 -5.39 15.02
N LYS B 45 2.49 -5.71 15.34
CA LYS B 45 2.75 -6.38 16.60
C LYS B 45 3.89 -5.68 17.33
N LEU B 46 3.85 -5.74 18.64
CA LEU B 46 4.92 -5.16 19.44
C LEU B 46 6.03 -6.24 19.48
N LEU B 47 7.26 -5.87 19.19
CA LEU B 47 8.33 -6.86 19.28
C LEU B 47 9.16 -6.72 20.55
N ILE B 48 9.63 -5.50 20.80
CA ILE B 48 10.50 -5.22 21.93
C ILE B 48 9.98 -3.99 22.65
N TYR B 49 9.99 -3.94 23.98
CA TYR B 49 9.61 -2.71 24.69
C TYR B 49 10.67 -2.38 25.73
N TYR B 50 10.69 -1.15 26.23
CA TYR B 50 11.69 -0.70 27.18
C TYR B 50 13.08 -1.03 26.68
N THR B 51 13.39 -0.67 25.42
CA THR B 51 14.67 -0.85 24.81
C THR B 51 15.03 -2.30 24.43
N SER B 52 14.95 -3.26 25.32
CA SER B 52 15.48 -4.60 25.13
C SER B 52 14.66 -5.77 25.60
N THR B 53 13.48 -5.50 26.16
CA THR B 53 12.62 -6.60 26.61
C THR B 53 11.73 -7.16 25.48
N LEU B 54 12.00 -8.44 25.16
CA LEU B 54 11.16 -9.06 24.11
C LEU B 54 9.75 -9.30 24.57
N HIS B 55 8.75 -9.04 23.75
CA HIS B 55 7.37 -9.26 24.05
C HIS B 55 7.12 -10.77 23.88
N SER B 56 5.98 -11.19 24.38
CA SER B 56 5.48 -12.55 24.31
C SER B 56 5.53 -13.28 22.99
N GLY B 57 6.25 -14.39 22.89
CA GLY B 57 6.26 -15.11 21.61
C GLY B 57 7.24 -14.58 20.57
N VAL B 58 7.89 -13.44 20.78
CA VAL B 58 8.88 -12.98 19.79
C VAL B 58 10.14 -13.83 19.83
N PRO B 59 10.57 -14.33 18.69
CA PRO B 59 11.77 -15.18 18.65
C PRO B 59 13.04 -14.48 19.06
N SER B 60 14.00 -15.27 19.55
CA SER B 60 15.25 -14.79 20.10
C SER B 60 16.21 -14.17 19.11
N ARG B 61 15.99 -14.32 17.80
CA ARG B 61 16.78 -13.59 16.81
C ARG B 61 16.55 -12.08 16.86
N PHE B 62 15.51 -11.59 17.50
CA PHE B 62 15.29 -10.13 17.61
C PHE B 62 15.92 -9.58 18.88
N SER B 63 16.66 -8.49 18.86
CA SER B 63 17.21 -7.95 20.10
C SER B 63 17.21 -6.42 19.96
N GLY B 64 17.16 -5.74 21.10
CA GLY B 64 17.18 -4.28 21.05
C GLY B 64 18.25 -3.78 22.02
N SER B 65 18.84 -2.64 21.67
CA SER B 65 19.87 -2.09 22.56
C SER B 65 19.81 -0.58 22.42
N GLY B 66 20.55 0.11 23.31
CA GLY B 66 20.56 1.55 23.28
C GLY B 66 20.27 2.14 24.68
N SER B 67 20.45 3.44 24.76
CA SER B 67 20.30 4.25 25.95
C SER B 67 20.24 5.72 25.60
N GLY B 68 19.82 6.53 26.55
CA GLY B 68 19.78 7.98 26.36
C GLY B 68 18.96 8.32 25.11
N THR B 69 19.73 8.60 24.04
CA THR B 69 19.13 9.00 22.77
C THR B 69 19.38 8.05 21.64
N ASP B 70 20.24 7.04 21.71
CA ASP B 70 20.54 6.21 20.55
C ASP B 70 20.10 4.76 20.70
N TYR B 71 19.21 4.32 19.78
CA TYR B 71 18.65 2.97 19.96
C TYR B 71 18.75 2.13 18.71
N SER B 72 18.82 0.79 18.86
CA SER B 72 18.89 -0.08 17.69
C SER B 72 18.04 -1.34 17.90
N LEU B 73 17.52 -1.85 16.81
CA LEU B 73 16.83 -3.13 16.75
C LEU B 73 17.70 -4.02 15.85
N THR B 74 18.09 -5.21 16.24
CA THR B 74 18.91 -6.08 15.41
C THR B 74 18.22 -7.44 15.20
N ILE B 75 18.13 -7.90 13.98
CA ILE B 75 17.60 -9.25 13.66
C ILE B 75 18.84 -10.07 13.29
N SER B 76 19.19 -11.05 14.07
CA SER B 76 20.38 -11.87 13.91
C SER B 76 20.61 -12.54 12.57
N ASN B 77 19.54 -13.20 12.15
CA ASN B 77 19.57 -14.05 10.95
C ASN B 77 18.18 -13.90 10.31
N LEU B 78 18.08 -13.02 9.37
CA LEU B 78 16.83 -12.68 8.74
C LEU B 78 16.08 -13.89 8.19
N GLU B 79 14.83 -14.03 8.57
CA GLU B 79 13.97 -15.06 8.01
C GLU B 79 12.94 -14.43 7.12
N GLU B 80 12.34 -15.24 6.25
CA GLU B 80 11.33 -14.72 5.33
C GLU B 80 10.15 -14.02 5.97
N GLU B 81 9.69 -14.51 7.11
CA GLU B 81 8.58 -13.95 7.87
C GLU B 81 8.98 -12.60 8.49
N ASP B 82 10.26 -12.23 8.47
CA ASP B 82 10.67 -10.95 9.03
C ASP B 82 10.61 -9.78 8.05
N ILE B 83 10.34 -10.07 6.78
CA ILE B 83 10.21 -9.06 5.74
C ILE B 83 8.95 -8.26 6.00
N ALA B 84 9.18 -6.99 6.41
CA ALA B 84 8.02 -6.21 6.89
C ALA B 84 8.51 -4.77 7.07
N PHE B 85 7.64 -3.97 7.66
CA PHE B 85 7.89 -2.55 7.90
C PHE B 85 8.12 -2.41 9.40
N TYR B 86 9.22 -1.79 9.82
CA TYR B 86 9.50 -1.74 11.23
C TYR B 86 9.47 -0.26 11.68
N PHE B 87 8.92 -0.02 12.87
CA PHE B 87 8.94 1.39 13.28
C PHE B 87 9.13 1.47 14.79
N CYS B 88 9.82 2.54 15.21
CA CYS B 88 10.00 2.71 16.67
C CYS B 88 8.97 3.67 17.26
N GLN B 89 8.82 3.62 18.60
CA GLN B 89 7.94 4.49 19.30
C GLN B 89 8.60 4.91 20.63
N GLN B 90 8.66 6.18 20.93
CA GLN B 90 9.24 6.54 22.27
C GLN B 90 8.07 6.58 23.25
N GLY B 91 8.19 6.01 24.47
CA GLY B 91 7.08 6.16 25.41
C GLY B 91 7.59 6.88 26.68
N GLY B 92 8.62 7.71 26.52
CA GLY B 92 9.25 8.38 27.65
C GLY B 92 8.53 9.67 28.04
N ALA B 93 7.85 10.31 27.12
CA ALA B 93 7.14 11.56 27.45
C ALA B 93 5.98 11.83 26.52
N LEU B 94 4.91 12.52 26.99
CA LEU B 94 3.84 12.84 26.09
C LEU B 94 4.17 14.08 25.23
N PRO B 95 3.70 14.18 24.00
CA PRO B 95 2.96 13.12 23.33
C PRO B 95 3.88 12.03 22.80
N PHE B 96 3.34 10.78 22.74
CA PHE B 96 4.15 9.68 22.24
C PHE B 96 4.41 9.95 20.74
N THR B 97 5.55 9.51 20.22
CA THR B 97 5.87 9.78 18.83
C THR B 97 6.55 8.57 18.18
N PHE B 98 6.43 8.53 16.83
CA PHE B 98 7.00 7.38 16.15
C PHE B 98 8.16 7.77 15.22
N GLY B 99 9.04 6.82 14.97
CA GLY B 99 10.07 6.98 13.91
C GLY B 99 9.37 6.87 12.55
N SER B 100 10.00 7.29 11.44
CA SER B 100 9.27 7.22 10.16
C SER B 100 9.33 5.83 9.53
N GLY B 101 10.02 4.84 10.10
CA GLY B 101 9.91 3.48 9.57
C GLY B 101 11.01 2.98 8.68
N THR B 102 11.12 1.63 8.62
CA THR B 102 12.15 0.99 7.77
C THR B 102 11.45 -0.18 7.03
N LYS B 103 11.45 -0.11 5.69
CA LYS B 103 10.80 -1.19 4.96
C LYS B 103 11.86 -2.22 4.60
N LEU B 104 11.74 -3.46 5.04
CA LEU B 104 12.76 -4.44 4.62
C LEU B 104 12.31 -5.10 3.29
N ALA B 105 13.26 -5.60 2.54
CA ALA B 105 13.02 -6.28 1.31
C ALA B 105 14.12 -7.37 1.19
N ILE B 106 13.79 -8.35 0.36
CA ILE B 106 14.80 -9.39 0.12
C ILE B 106 15.66 -8.93 -1.05
N LYS B 107 16.96 -9.02 -0.95
CA LYS B 107 17.84 -8.67 -2.08
C LYS B 107 17.84 -9.87 -3.01
N ARG B 108 17.86 -9.64 -4.28
CA ARG B 108 17.99 -10.70 -5.28
C ARG B 108 18.91 -10.21 -6.37
N ALA B 109 19.20 -11.05 -7.31
CA ALA B 109 20.00 -10.71 -8.49
C ALA B 109 19.29 -9.66 -9.36
N ASP B 110 20.03 -8.76 -9.99
CA ASP B 110 19.45 -7.75 -10.87
C ASP B 110 18.69 -8.37 -12.03
N ALA B 111 17.57 -7.73 -12.40
CA ALA B 111 16.75 -8.19 -13.49
C ALA B 111 16.23 -7.00 -14.32
N ALA B 112 16.38 -7.03 -15.65
CA ALA B 112 15.81 -5.92 -16.47
C ALA B 112 14.29 -6.09 -16.57
N PRO B 113 13.51 -5.02 -16.63
CA PRO B 113 12.05 -5.17 -16.76
C PRO B 113 11.66 -5.78 -18.10
N THR B 114 10.56 -6.50 -18.14
CA THR B 114 9.98 -6.92 -19.43
C THR B 114 8.94 -5.86 -19.71
N VAL B 115 9.11 -5.18 -20.83
CA VAL B 115 8.23 -4.06 -21.20
C VAL B 115 7.25 -4.37 -22.31
N SER B 116 5.94 -4.09 -22.12
CA SER B 116 4.93 -4.30 -23.12
C SER B 116 4.06 -3.03 -23.28
N ILE B 117 3.73 -2.63 -24.50
CA ILE B 117 2.87 -1.42 -24.68
C ILE B 117 1.55 -1.76 -25.32
N PHE B 118 0.44 -1.15 -24.85
CA PHE B 118 -0.88 -1.50 -25.36
C PHE B 118 -1.66 -0.29 -25.86
N PRO B 119 -2.04 -0.30 -27.13
CA PRO B 119 -2.90 0.77 -27.66
C PRO B 119 -4.26 0.72 -27.04
N PRO B 120 -5.02 1.80 -27.16
CA PRO B 120 -6.38 1.88 -26.65
C PRO B 120 -7.22 0.74 -27.21
N SER B 121 -8.18 0.22 -26.47
CA SER B 121 -9.06 -0.80 -27.01
C SER B 121 -10.10 -0.11 -27.91
N SER B 122 -10.74 -0.91 -28.77
CA SER B 122 -11.78 -0.30 -29.65
C SER B 122 -12.97 0.08 -28.79
N GLU B 123 -13.22 -0.77 -27.76
CA GLU B 123 -14.31 -0.45 -26.83
C GLU B 123 -14.07 0.90 -26.13
N GLN B 124 -12.83 1.22 -25.72
CA GLN B 124 -12.66 2.52 -25.06
C GLN B 124 -12.89 3.68 -26.04
N LEU B 125 -12.34 3.53 -27.20
CA LEU B 125 -12.34 4.46 -28.32
C LEU B 125 -13.76 4.83 -28.74
N THR B 126 -14.63 3.83 -28.82
CA THR B 126 -16.05 4.06 -29.07
C THR B 126 -16.66 4.97 -28.01
N SER B 127 -16.14 5.01 -26.78
CA SER B 127 -16.66 5.91 -25.78
C SER B 127 -16.00 7.27 -25.81
N GLY B 128 -15.06 7.54 -26.71
CA GLY B 128 -14.43 8.86 -26.74
C GLY B 128 -13.12 8.90 -25.98
N GLY B 129 -12.69 7.81 -25.35
CA GLY B 129 -11.43 7.85 -24.57
C GLY B 129 -10.29 7.08 -25.22
N ALA B 130 -9.06 7.39 -24.82
CA ALA B 130 -7.88 6.71 -25.34
C ALA B 130 -6.75 6.59 -24.30
N SER B 131 -6.67 5.42 -23.66
CA SER B 131 -5.63 5.13 -22.72
C SER B 131 -4.55 4.25 -23.35
N VAL B 132 -3.30 4.64 -23.23
CA VAL B 132 -2.22 3.79 -23.75
C VAL B 132 -1.54 3.19 -22.51
N VAL B 133 -1.45 1.88 -22.42
CA VAL B 133 -0.78 1.35 -21.20
C VAL B 133 0.50 0.60 -21.44
N CYS B 134 1.43 0.79 -20.50
CA CYS B 134 2.74 0.15 -20.54
C CYS B 134 2.97 -0.67 -19.27
N PHE B 135 3.30 -1.95 -19.41
CA PHE B 135 3.64 -2.72 -18.22
C PHE B 135 5.15 -2.91 -18.21
N LEU B 136 5.78 -2.67 -17.07
CA LEU B 136 7.20 -2.86 -16.87
C LEU B 136 7.28 -3.95 -15.76
N ASN B 137 7.49 -5.22 -16.16
CA ASN B 137 7.36 -6.30 -15.23
C ASN B 137 8.62 -7.06 -14.82
N ASN B 138 8.61 -7.47 -13.57
CA ASN B 138 9.61 -8.32 -12.98
C ASN B 138 11.03 -7.81 -13.06
N PHE B 139 11.28 -6.63 -12.50
CA PHE B 139 12.65 -6.10 -12.52
C PHE B 139 13.17 -6.02 -11.08
N TYR B 140 14.46 -5.81 -10.92
CA TYR B 140 15.12 -5.56 -9.66
C TYR B 140 16.45 -4.87 -10.02
N PRO B 141 16.83 -3.81 -9.31
CA PRO B 141 16.18 -3.27 -8.17
C PRO B 141 14.96 -2.40 -8.43
N LYS B 142 14.35 -1.94 -7.36
CA LYS B 142 13.07 -1.26 -7.30
C LYS B 142 12.99 0.03 -8.10
N ASP B 143 14.08 0.82 -8.14
CA ASP B 143 13.96 2.08 -8.88
C ASP B 143 13.94 1.93 -10.37
N ILE B 144 13.05 2.75 -10.95
CA ILE B 144 12.88 2.74 -12.40
C ILE B 144 12.21 4.06 -12.83
N ASN B 145 12.42 4.43 -14.07
CA ASN B 145 11.80 5.64 -14.63
C ASN B 145 11.14 5.35 -15.96
N VAL B 146 9.95 5.93 -16.17
CA VAL B 146 9.26 5.71 -17.43
C VAL B 146 8.99 7.11 -18.04
N LYS B 147 9.25 7.22 -19.31
CA LYS B 147 9.03 8.41 -20.11
C LYS B 147 8.08 8.08 -21.25
N TRP B 148 7.07 8.88 -21.55
CA TRP B 148 6.19 8.65 -22.66
C TRP B 148 6.52 9.63 -23.80
N LYS B 149 6.36 9.19 -25.04
CA LYS B 149 6.55 10.12 -26.14
C LYS B 149 5.41 9.95 -27.14
N ILE B 150 4.97 11.11 -27.68
CA ILE B 150 3.94 11.15 -28.73
C ILE B 150 4.64 11.74 -29.99
N ASP B 151 4.66 11.02 -31.10
CA ASP B 151 5.41 11.43 -32.26
C ASP B 151 6.84 11.82 -31.94
N GLY B 152 7.52 11.19 -31.02
CA GLY B 152 8.88 11.49 -30.61
C GLY B 152 8.98 12.63 -29.60
N SER B 153 7.82 13.21 -29.23
CA SER B 153 7.93 14.34 -28.27
C SER B 153 7.60 13.94 -26.85
N GLU B 154 8.36 14.33 -25.86
CA GLU B 154 8.10 13.93 -24.48
C GLU B 154 6.75 14.42 -23.99
N ARG B 155 5.99 13.58 -23.30
CA ARG B 155 4.65 13.88 -22.81
C ARG B 155 4.54 13.66 -21.31
N GLN B 156 4.14 14.62 -20.49
CA GLN B 156 4.05 14.35 -19.04
C GLN B 156 2.63 14.42 -18.49
N ASN B 157 1.80 15.35 -18.93
CA ASN B 157 0.43 15.44 -18.38
C ASN B 157 -0.44 14.25 -18.76
N GLY B 158 -1.29 13.70 -17.91
CA GLY B 158 -2.21 12.63 -18.30
C GLY B 158 -1.69 11.20 -18.03
N VAL B 159 -0.56 11.15 -17.37
CA VAL B 159 0.08 9.88 -17.02
C VAL B 159 -0.21 9.51 -15.56
N LEU B 160 -0.63 8.27 -15.36
CA LEU B 160 -0.82 7.75 -14.02
C LEU B 160 0.04 6.44 -13.89
N ASP B 161 0.73 6.26 -12.79
CA ASP B 161 1.56 5.07 -12.57
C ASP B 161 1.17 4.30 -11.33
N SER B 162 1.41 2.98 -11.31
CA SER B 162 1.13 2.22 -10.10
C SER B 162 2.29 1.20 -9.97
N TRP B 163 2.68 0.89 -8.75
CA TRP B 163 3.83 -0.01 -8.51
C TRP B 163 3.45 -1.11 -7.55
N THR B 164 3.77 -2.36 -7.83
CA THR B 164 3.49 -3.42 -6.91
C THR B 164 4.54 -3.41 -5.80
N ASP B 165 4.15 -4.00 -4.68
CA ASP B 165 5.09 -4.28 -3.59
C ASP B 165 5.98 -5.42 -4.14
N GLN B 166 7.08 -5.66 -3.44
CA GLN B 166 8.03 -6.70 -3.83
C GLN B 166 7.31 -8.02 -3.97
N ASP B 167 7.48 -8.80 -5.02
CA ASP B 167 6.81 -10.06 -5.20
C ASP B 167 7.30 -11.03 -4.10
N SER B 168 6.35 -11.72 -3.49
CA SER B 168 6.53 -12.66 -2.43
C SER B 168 7.38 -13.92 -2.74
N LYS B 169 7.28 -14.33 -3.99
CA LYS B 169 7.97 -15.55 -4.41
C LYS B 169 9.29 -15.24 -5.13
N ASP B 170 9.36 -14.24 -6.02
CA ASP B 170 10.61 -14.07 -6.74
C ASP B 170 11.39 -12.79 -6.41
N SER B 171 10.85 -12.02 -5.48
CA SER B 171 11.55 -10.79 -5.07
C SER B 171 11.65 -9.72 -6.16
N THR B 172 10.94 -9.79 -7.28
CA THR B 172 11.02 -8.68 -8.26
C THR B 172 9.91 -7.65 -7.94
N TYR B 173 9.91 -6.59 -8.72
CA TYR B 173 8.95 -5.49 -8.63
C TYR B 173 8.38 -5.32 -10.04
N SER B 174 7.17 -4.76 -10.11
CA SER B 174 6.54 -4.49 -11.42
C SER B 174 5.88 -3.10 -11.35
N MET B 175 5.58 -2.54 -12.50
CA MET B 175 4.97 -1.19 -12.58
C MET B 175 4.10 -1.09 -13.83
N SER B 176 3.02 -0.33 -13.71
CA SER B 176 2.09 -0.10 -14.82
C SER B 176 2.09 1.42 -15.01
N SER B 177 2.06 1.88 -16.24
CA SER B 177 2.02 3.32 -16.52
C SER B 177 0.93 3.54 -17.57
N THR B 178 -0.02 4.48 -17.36
CA THR B 178 -1.07 4.67 -18.32
C THR B 178 -1.13 6.12 -18.79
N LEU B 179 -1.03 6.33 -20.10
CA LEU B 179 -1.18 7.70 -20.62
C LEU B 179 -2.65 7.84 -21.07
N THR B 180 -3.44 8.69 -20.45
CA THR B 180 -4.85 8.78 -20.91
C THR B 180 -5.12 10.10 -21.64
N LEU B 181 -5.64 10.00 -22.85
CA LEU B 181 -5.86 11.16 -23.74
C LEU B 181 -7.32 11.14 -24.16
N THR B 182 -7.78 12.16 -24.90
CA THR B 182 -9.11 12.07 -25.50
C THR B 182 -8.87 11.30 -26.81
N LYS B 183 -9.90 10.70 -27.38
CA LYS B 183 -9.77 10.04 -28.68
C LYS B 183 -9.29 11.03 -29.74
N ASP B 184 -9.88 12.23 -29.69
CA ASP B 184 -9.51 13.31 -30.60
C ASP B 184 -8.01 13.54 -30.57
N GLU B 185 -7.43 13.77 -29.38
CA GLU B 185 -5.97 13.98 -29.38
C GLU B 185 -5.23 12.71 -29.84
N TYR B 186 -5.71 11.56 -29.40
CA TYR B 186 -5.03 10.30 -29.80
C TYR B 186 -4.99 10.17 -31.32
N GLU B 187 -6.14 10.44 -31.96
CA GLU B 187 -6.20 10.37 -33.42
C GLU B 187 -5.42 11.44 -34.15
N ARG B 188 -4.90 12.48 -33.59
CA ARG B 188 -4.09 13.47 -34.28
C ARG B 188 -2.64 13.08 -34.45
N HIS B 189 -2.17 12.07 -33.68
CA HIS B 189 -0.77 11.71 -33.73
C HIS B 189 -0.63 10.25 -34.14
N ASN B 190 0.57 9.84 -34.49
CA ASN B 190 0.69 8.46 -35.00
C ASN B 190 1.50 7.53 -34.13
N SER B 191 2.64 7.97 -33.63
CA SER B 191 3.57 7.19 -32.83
C SER B 191 3.48 7.42 -31.31
N TYR B 192 3.40 6.32 -30.56
CA TYR B 192 3.27 6.29 -29.11
C TYR B 192 4.38 5.42 -28.52
N THR B 193 5.16 5.96 -27.62
CA THR B 193 6.33 5.32 -27.09
C THR B 193 6.44 5.31 -25.57
N CYS B 194 6.75 4.16 -24.98
CA CYS B 194 6.97 4.05 -23.53
C CYS B 194 8.46 3.80 -23.39
N GLU B 195 9.26 4.53 -22.68
CA GLU B 195 10.69 4.29 -22.58
C GLU B 195 11.03 4.00 -21.13
N ALA B 196 11.74 2.89 -20.89
CA ALA B 196 12.08 2.57 -19.50
C ALA B 196 13.58 2.64 -19.24
N THR B 197 13.97 3.33 -18.21
CA THR B 197 15.31 3.47 -17.73
C THR B 197 15.51 2.79 -16.39
N HIS B 198 16.42 1.83 -16.41
CA HIS B 198 16.67 1.05 -15.17
C HIS B 198 18.15 0.79 -14.99
N LYS B 199 18.63 0.54 -13.77
CA LYS B 199 20.03 0.25 -13.50
C LYS B 199 20.62 -0.83 -14.36
N THR B 200 19.88 -1.84 -14.81
CA THR B 200 20.40 -2.93 -15.61
C THR B 200 20.88 -2.57 -17.00
N SER B 201 20.72 -1.32 -17.44
CA SER B 201 21.18 -0.93 -18.75
C SER B 201 21.31 0.58 -18.90
N THR B 202 22.40 1.00 -19.57
CA THR B 202 22.55 2.44 -19.81
C THR B 202 21.65 2.89 -20.96
N SER B 203 21.19 2.02 -21.84
CA SER B 203 20.24 2.50 -22.87
C SER B 203 18.81 2.11 -22.51
N PRO B 204 17.86 3.04 -22.61
CA PRO B 204 16.47 2.77 -22.31
C PRO B 204 15.88 1.63 -23.12
N ILE B 205 14.95 0.90 -22.51
CA ILE B 205 14.18 -0.15 -23.17
C ILE B 205 13.00 0.61 -23.79
N VAL B 206 12.94 0.61 -25.11
CA VAL B 206 11.89 1.36 -25.77
C VAL B 206 10.85 0.52 -26.48
N LYS B 207 9.58 0.77 -26.19
CA LYS B 207 8.49 0.05 -26.82
C LYS B 207 7.56 1.07 -27.48
N SER B 208 7.14 0.81 -28.72
CA SER B 208 6.23 1.79 -29.31
C SER B 208 5.44 1.15 -30.41
N PHE B 209 4.44 1.86 -30.89
CA PHE B 209 3.58 1.46 -31.96
C PHE B 209 3.13 2.70 -32.76
N ASN B 210 2.62 2.48 -33.94
CA ASN B 210 2.07 3.52 -34.79
C ASN B 210 0.58 3.22 -34.94
N ARG B 211 -0.26 4.23 -34.76
CA ARG B 211 -1.70 4.10 -34.79
C ARG B 211 -2.23 3.58 -36.12
N ASN B 212 -1.58 3.84 -37.25
CA ASN B 212 -2.12 3.29 -38.51
C ASN B 212 -1.93 1.78 -38.54
N GLU B 213 -0.70 1.33 -38.54
CA GLU B 213 -0.10 0.04 -38.62
C GLU B 213 -0.65 -1.12 -37.81
N CYS B 214 -1.32 -2.07 -38.47
CA CYS B 214 -1.85 -3.23 -37.74
C CYS B 214 -1.61 -4.53 -38.50
N SER C 1 5.45 -0.43 28.72
CA SER C 1 6.15 0.09 27.52
C SER C 1 6.07 1.60 27.47
N HIS C 2 5.34 2.22 28.43
CA HIS C 2 5.19 3.68 28.48
C HIS C 2 5.41 4.14 29.93
N PHE C 3 5.85 5.39 30.08
CA PHE C 3 6.27 5.91 31.39
C PHE C 3 5.08 6.01 32.34
N ASN C 4 3.88 6.17 31.82
CA ASN C 4 2.68 6.38 32.63
C ASN C 4 1.81 5.15 32.84
N GLU C 5 2.44 3.97 32.92
CA GLU C 5 1.65 2.75 33.18
C GLU C 5 2.65 1.82 33.86
N TYR C 6 2.13 0.75 34.45
CA TYR C 6 3.04 -0.16 35.13
C TYR C 6 3.43 -1.28 34.20
N GLU C 7 4.70 -1.54 34.00
CA GLU C 7 5.11 -2.63 33.14
C GLU C 7 5.88 -3.73 33.87
#